data_4WA9
#
_entry.id   4WA9
#
_cell.length_a   56.626
_cell.length_b   111.806
_cell.length_c   128.881
_cell.angle_alpha   90.00
_cell.angle_beta   90.00
_cell.angle_gamma   90.00
#
_symmetry.space_group_name_H-M   'P 2 21 21'
#
loop_
_entity.id
_entity.type
_entity.pdbx_description
1 polymer 'Tyrosine-protein kinase ABL1'
2 non-polymer AXITINIB
3 water water
#
_entity_poly.entity_id   1
_entity_poly.type   'polypeptide(L)'
_entity_poly.pdbx_seq_one_letter_code
;GSSPNYDKWEMERTDITMKHKLGGGQYGEVYEGVWKKYSLTVAVKTLKEDTMEVEEFLKEAAVMKEIKHPNLVQLLGVCT
REPPFYIITEFMTYGNLLDYLRECNRQEVNAVVLLYMATQISSAMEYLEKKNFIHRDLAARNCLVGENHLVKVADFGLSR
LMTGDTYTAHAGAKFPIKWTAPESLAYNKFSIKSDVWAFGVLLWEIATYGMSPYPGIDLSQVYELLEKDYRMERPEGCPE
KVYELMRACWQWNPSDRPSFAEIHQAFETMFQESSISDEVEKELGK
;
_entity_poly.pdbx_strand_id   B,A
#
loop_
_chem_comp.id
_chem_comp.type
_chem_comp.name
_chem_comp.formula
AXI non-polymer AXITINIB 'C22 H18 N4 O S'
#
# COMPACT_ATOMS: atom_id res chain seq x y z
N ASP A 7 -20.99 -7.10 19.65
CA ASP A 7 -19.64 -6.79 19.18
C ASP A 7 -19.50 -7.01 17.66
N LYS A 8 -19.11 -5.95 16.95
CA LYS A 8 -18.95 -5.97 15.49
C LYS A 8 -17.83 -6.90 14.99
N TRP A 9 -16.91 -7.28 15.88
CA TRP A 9 -15.71 -8.01 15.47
C TRP A 9 -15.91 -9.53 15.40
N GLU A 10 -16.95 -10.01 16.07
CA GLU A 10 -17.23 -11.44 16.14
C GLU A 10 -17.47 -12.08 14.76
N MET A 11 -17.00 -13.32 14.61
CA MET A 11 -17.19 -14.11 13.41
C MET A 11 -17.61 -15.50 13.85
N GLU A 12 -17.91 -16.34 12.89
CA GLU A 12 -18.29 -17.69 13.20
C GLU A 12 -17.21 -18.56 12.72
N ARG A 13 -16.73 -19.39 13.60
CA ARG A 13 -15.49 -20.04 13.37
C ARG A 13 -15.42 -20.89 12.12
N THR A 14 -16.58 -21.23 11.58
CA THR A 14 -16.62 -22.15 10.46
C THR A 14 -16.44 -21.43 9.18
N ASP A 15 -16.20 -20.14 9.25
CA ASP A 15 -15.80 -19.41 8.09
C ASP A 15 -14.34 -19.54 7.85
N ILE A 16 -13.67 -20.16 8.80
CA ILE A 16 -12.22 -20.27 8.71
C ILE A 16 -11.78 -21.70 8.46
N THR A 17 -10.95 -21.89 7.45
CA THR A 17 -10.31 -23.18 7.22
C THR A 17 -8.88 -23.09 7.76
N MET A 18 -8.61 -23.84 8.82
CA MET A 18 -7.32 -23.80 9.49
C MET A 18 -6.30 -24.68 8.78
N LYS A 19 -5.07 -24.20 8.66
CA LYS A 19 -3.98 -25.01 8.12
C LYS A 19 -2.89 -25.17 9.16
N HIS A 20 -1.64 -25.20 8.71
CA HIS A 20 -0.52 -25.48 9.61
C HIS A 20 -0.03 -24.25 10.37
N LYS A 21 0.74 -24.51 11.42
CA LYS A 21 1.37 -23.48 12.23
C LYS A 21 2.28 -22.63 11.34
N LEU A 22 2.28 -21.33 11.58
CA LEU A 22 3.12 -20.41 10.83
C LEU A 22 4.56 -20.42 11.32
N GLY A 23 5.51 -20.27 10.39
CA GLY A 23 6.91 -20.11 10.71
C GLY A 23 7.50 -21.13 11.68
N GLY A 24 7.10 -22.38 11.56
CA GLY A 24 7.64 -23.46 12.38
C GLY A 24 7.42 -23.25 13.87
N GLY A 25 6.37 -22.53 14.24
CA GLY A 25 6.05 -22.33 15.64
C GLY A 25 6.76 -21.17 16.32
N GLN A 26 7.53 -20.40 15.55
CA GLN A 26 8.31 -19.30 16.13
C GLN A 26 7.43 -18.19 16.72
N TYR A 27 6.16 -18.14 16.30
CA TYR A 27 5.24 -17.14 16.84
C TYR A 27 4.37 -17.73 17.95
N GLY A 28 4.54 -19.02 18.22
CA GLY A 28 3.66 -19.71 19.15
C GLY A 28 2.46 -20.29 18.43
N GLU A 29 1.28 -20.20 19.05
CA GLU A 29 0.05 -20.80 18.51
C GLU A 29 -0.65 -19.96 17.45
N VAL A 30 0.04 -19.69 16.34
CA VAL A 30 -0.56 -18.94 15.24
C VAL A 30 -0.59 -19.78 13.99
N TYR A 31 -1.77 -19.89 13.37
CA TYR A 31 -1.97 -20.77 12.24
C TYR A 31 -2.32 -20.02 10.97
N GLU A 32 -1.84 -20.50 9.84
CA GLU A 32 -2.34 -20.01 8.57
C GLU A 32 -3.77 -20.48 8.47
N GLY A 33 -4.64 -19.61 7.99
CA GLY A 33 -6.05 -19.96 7.86
C GLY A 33 -6.60 -19.38 6.58
N VAL A 34 -7.77 -19.84 6.18
CA VAL A 34 -8.44 -19.25 5.02
C VAL A 34 -9.82 -18.78 5.43
N TRP A 35 -10.07 -17.49 5.22
CA TRP A 35 -11.40 -16.96 5.37
C TRP A 35 -12.14 -17.35 4.10
N LYS A 36 -12.81 -18.50 4.15
CA LYS A 36 -13.48 -19.11 2.99
C LYS A 36 -14.20 -18.15 2.05
N LYS A 37 -15.06 -17.30 2.60
CA LYS A 37 -15.88 -16.42 1.78
C LYS A 37 -15.18 -15.14 1.33
N TYR A 38 -13.86 -15.18 1.20
CA TYR A 38 -13.10 -14.12 0.53
C TYR A 38 -11.88 -14.74 -0.13
N SER A 39 -11.74 -16.05 0.01
CA SER A 39 -10.53 -16.77 -0.41
C SER A 39 -9.27 -16.07 0.11
N LEU A 40 -9.38 -15.49 1.31
CA LEU A 40 -8.33 -14.66 1.88
C LEU A 40 -7.53 -15.45 2.91
N THR A 41 -6.24 -15.62 2.66
CA THR A 41 -5.36 -16.22 3.66
C THR A 41 -5.30 -15.27 4.85
N VAL A 42 -5.34 -15.83 6.05
CA VAL A 42 -5.29 -15.03 7.27
C VAL A 42 -4.36 -15.67 8.29
N ALA A 43 -4.03 -14.94 9.34
CA ALA A 43 -3.29 -15.52 10.46
C ALA A 43 -4.25 -15.66 11.63
N VAL A 44 -4.22 -16.80 12.29
CA VAL A 44 -5.18 -17.09 13.33
C VAL A 44 -4.46 -17.44 14.62
N LYS A 45 -4.54 -16.54 15.60
CA LYS A 45 -4.01 -16.85 16.93
C LYS A 45 -5.07 -17.69 17.62
N THR A 46 -4.65 -18.76 18.23
CA THR A 46 -5.59 -19.66 18.85
C THR A 46 -5.23 -19.85 20.28
N LEU A 47 -6.17 -20.29 21.07
CA LEU A 47 -5.91 -20.60 22.45
C LEU A 47 -6.59 -21.90 22.88
N LYS A 48 -5.82 -22.89 23.30
CA LYS A 48 -6.40 -24.12 23.86
C LYS A 48 -7.53 -23.79 24.80
N GLU A 49 -8.38 -24.75 25.11
CA GLU A 49 -9.47 -24.51 26.03
C GLU A 49 -9.02 -24.79 27.46
N ASP A 50 -8.07 -25.68 27.58
CA ASP A 50 -7.42 -26.01 28.84
C ASP A 50 -6.31 -25.04 29.10
N THR A 51 -6.66 -23.90 29.67
CA THR A 51 -5.72 -22.80 29.81
C THR A 51 -6.09 -21.85 30.94
N MET A 52 -5.12 -21.07 31.40
CA MET A 52 -5.36 -20.08 32.43
C MET A 52 -5.05 -18.69 31.89
N GLU A 53 -5.05 -18.57 30.57
CA GLU A 53 -4.64 -17.35 29.90
C GLU A 53 -5.80 -16.69 29.14
N VAL A 54 -7.03 -17.13 29.40
CA VAL A 54 -8.18 -16.59 28.68
C VAL A 54 -8.28 -15.06 28.82
N GLU A 55 -8.13 -14.54 30.04
CA GLU A 55 -8.24 -13.10 30.23
C GLU A 55 -7.16 -12.29 29.49
N GLU A 56 -5.91 -12.74 29.59
CA GLU A 56 -4.81 -12.14 28.80
C GLU A 56 -5.10 -12.11 27.29
N PHE A 57 -5.63 -13.23 26.78
CA PHE A 57 -5.92 -13.40 25.35
C PHE A 57 -7.04 -12.44 24.92
N LEU A 58 -8.08 -12.33 25.71
CA LEU A 58 -9.14 -11.37 25.47
C LEU A 58 -8.61 -9.96 25.55
N LYS A 59 -7.61 -9.74 26.38
CA LYS A 59 -7.00 -8.45 26.51
C LYS A 59 -6.27 -8.05 25.27
N GLU A 60 -5.55 -8.99 24.69
CA GLU A 60 -4.90 -8.79 23.43
C GLU A 60 -5.86 -8.38 22.34
N ALA A 61 -7.01 -9.02 22.30
CA ALA A 61 -8.07 -8.73 21.34
C ALA A 61 -8.60 -7.33 21.54
N ALA A 62 -8.88 -6.99 22.77
CA ALA A 62 -9.41 -5.70 23.10
C ALA A 62 -8.45 -4.61 22.69
N VAL A 63 -7.17 -4.83 22.89
CA VAL A 63 -6.17 -3.90 22.43
C VAL A 63 -6.22 -3.76 20.91
N MET A 64 -6.37 -4.86 20.22
CA MET A 64 -6.37 -4.84 18.78
C MET A 64 -7.55 -4.09 18.22
N LYS A 65 -8.62 -4.05 18.96
CA LYS A 65 -9.79 -3.32 18.60
C LYS A 65 -9.57 -1.84 18.66
N GLU A 66 -8.71 -1.40 19.56
CA GLU A 66 -8.50 0.00 19.79
C GLU A 66 -7.46 0.57 18.86
N ILE A 67 -6.56 -0.26 18.38
CA ILE A 67 -5.47 0.19 17.56
C ILE A 67 -5.73 0.13 16.07
N LYS A 68 -5.45 1.21 15.39
CA LYS A 68 -5.55 1.15 13.94
C LYS A 68 -4.52 2.06 13.25
N HIS A 69 -3.69 1.46 12.42
CA HIS A 69 -2.63 2.19 11.74
C HIS A 69 -2.12 1.33 10.58
N PRO A 70 -1.71 1.97 9.48
CA PRO A 70 -1.31 1.17 8.32
C PRO A 70 -0.07 0.31 8.56
N ASN A 71 0.71 0.63 9.59
CA ASN A 71 1.94 -0.10 9.86
C ASN A 71 1.91 -0.87 11.17
N LEU A 72 0.71 -1.21 11.61
CA LEU A 72 0.49 -2.14 12.73
C LEU A 72 -0.39 -3.25 12.19
N VAL A 73 -0.03 -4.50 12.50
CA VAL A 73 -0.77 -5.64 11.98
C VAL A 73 -2.25 -5.56 12.36
N GLN A 74 -3.13 -5.66 11.37
CA GLN A 74 -4.56 -5.40 11.59
C GLN A 74 -5.36 -6.63 11.99
N LEU A 75 -6.11 -6.49 13.09
CA LEU A 75 -7.13 -7.47 13.48
C LEU A 75 -8.26 -7.52 12.43
N LEU A 76 -8.73 -8.72 12.11
CA LEU A 76 -9.82 -8.87 11.16
C LEU A 76 -11.10 -9.34 11.86
N GLY A 77 -10.93 -10.15 12.90
CA GLY A 77 -12.07 -10.71 13.61
C GLY A 77 -11.67 -11.59 14.76
N VAL A 78 -12.65 -11.89 15.61
CA VAL A 78 -12.45 -12.79 16.73
C VAL A 78 -13.56 -13.83 16.76
N CYS A 79 -13.28 -14.98 17.37
CA CYS A 79 -14.32 -15.93 17.72
C CYS A 79 -14.13 -16.23 19.20
N THR A 80 -14.94 -15.61 20.03
CA THR A 80 -14.72 -15.68 21.47
C THR A 80 -15.97 -16.03 22.29
N ARG A 81 -16.66 -17.11 21.92
CA ARG A 81 -17.85 -17.57 22.64
C ARG A 81 -17.89 -19.10 22.67
N GLU A 82 -16.78 -19.72 22.26
CA GLU A 82 -16.74 -21.16 22.05
C GLU A 82 -15.29 -21.61 22.25
N PRO A 83 -15.10 -22.73 22.96
CA PRO A 83 -13.85 -23.17 23.59
C PRO A 83 -12.52 -22.82 22.88
N PRO A 84 -12.36 -23.12 21.58
CA PRO A 84 -11.09 -22.66 21.00
C PRO A 84 -11.22 -21.21 20.52
N PHE A 85 -10.74 -20.27 21.32
CA PHE A 85 -10.84 -18.86 20.95
C PHE A 85 -9.91 -18.52 19.79
N TYR A 86 -10.38 -17.66 18.90
CA TYR A 86 -9.59 -17.19 17.75
C TYR A 86 -9.42 -15.69 17.78
N ILE A 87 -8.22 -15.24 17.43
CA ILE A 87 -8.00 -13.85 17.04
C ILE A 87 -7.45 -13.90 15.62
N ILE A 88 -8.19 -13.35 14.67
CA ILE A 88 -7.78 -13.41 13.28
C ILE A 88 -7.19 -12.07 12.84
N THR A 89 -5.97 -12.11 12.31
CA THR A 89 -5.30 -10.91 11.83
C THR A 89 -4.95 -11.07 10.36
N GLU A 90 -4.58 -9.98 9.70
CA GLU A 90 -4.16 -10.05 8.31
C GLU A 90 -2.92 -10.92 8.18
N PHE A 91 -2.77 -11.54 7.02
CA PHE A 91 -1.63 -12.40 6.74
C PHE A 91 -0.53 -11.61 6.04
N MET A 92 0.68 -11.67 6.57
CA MET A 92 1.81 -10.96 5.99
C MET A 92 2.67 -12.00 5.27
N THR A 93 2.66 -11.95 3.95
CA THR A 93 3.19 -13.06 3.15
C THR A 93 4.69 -13.32 3.25
N TYR A 94 5.47 -12.29 3.56
CA TYR A 94 6.92 -12.51 3.65
C TYR A 94 7.47 -12.85 5.04
N GLY A 95 6.58 -13.06 6.00
CA GLY A 95 7.01 -13.43 7.34
C GLY A 95 7.67 -12.31 8.12
N ASN A 96 8.45 -12.68 9.14
CA ASN A 96 9.08 -11.69 9.99
C ASN A 96 10.22 -10.99 9.28
N LEU A 97 10.45 -9.74 9.66
CA LEU A 97 11.41 -8.86 9.01
C LEU A 97 12.86 -9.32 9.16
N LEU A 98 13.17 -9.97 10.28
CA LEU A 98 14.53 -10.43 10.51
C LEU A 98 14.94 -11.49 9.48
N ASP A 99 14.14 -12.53 9.34
CA ASP A 99 14.40 -13.56 8.33
C ASP A 99 14.37 -12.96 6.92
N TYR A 100 13.41 -12.07 6.66
CA TYR A 100 13.30 -11.40 5.37
C TYR A 100 14.60 -10.68 5.00
N LEU A 101 15.16 -9.93 5.94
CA LEU A 101 16.40 -9.20 5.66
C LEU A 101 17.56 -10.16 5.35
N ARG A 102 17.61 -11.28 6.06
CA ARG A 102 18.69 -12.25 5.89
C ARG A 102 18.62 -12.95 4.52
N GLU A 103 17.40 -13.30 4.09
CA GLU A 103 17.22 -14.07 2.84
C GLU A 103 17.00 -13.23 1.59
N CYS A 104 16.95 -11.91 1.71
CA CYS A 104 16.54 -11.07 0.58
C CYS A 104 17.65 -10.79 -0.43
N ASN A 105 17.22 -10.42 -1.64
CA ASN A 105 18.09 -9.91 -2.67
C ASN A 105 18.42 -8.46 -2.31
N ARG A 106 19.68 -8.19 -1.99
CA ARG A 106 20.08 -6.87 -1.52
C ARG A 106 20.11 -5.82 -2.63
N GLN A 107 19.98 -6.28 -3.86
CA GLN A 107 19.91 -5.35 -4.98
C GLN A 107 18.49 -4.81 -5.13
N GLU A 108 17.50 -5.63 -4.75
CA GLU A 108 16.11 -5.20 -4.68
C GLU A 108 15.88 -4.42 -3.37
N VAL A 109 16.26 -5.04 -2.27
CA VAL A 109 16.13 -4.42 -0.95
C VAL A 109 17.40 -3.60 -0.66
N ASN A 110 17.51 -2.47 -1.35
CA ASN A 110 18.71 -1.62 -1.27
C ASN A 110 18.57 -0.50 -0.25
N ALA A 111 19.51 0.45 -0.30
CA ALA A 111 19.57 1.54 0.65
C ALA A 111 18.24 2.27 0.84
N VAL A 112 17.59 2.60 -0.26
CA VAL A 112 16.35 3.37 -0.21
C VAL A 112 15.22 2.54 0.43
N VAL A 113 15.23 1.23 0.19
CA VAL A 113 14.23 0.36 0.79
C VAL A 113 14.42 0.30 2.31
N LEU A 114 15.68 0.18 2.73
CA LEU A 114 16.01 0.18 4.16
C LEU A 114 15.48 1.44 4.85
N LEU A 115 15.72 2.61 4.25
CA LEU A 115 15.14 3.87 4.72
C LEU A 115 13.62 3.80 4.80
N TYR A 116 13.01 3.21 3.78
CA TYR A 116 11.56 3.13 3.71
C TYR A 116 11.04 2.27 4.85
N MET A 117 11.70 1.15 5.11
CA MET A 117 11.26 0.26 6.18
C MET A 117 11.33 0.97 7.54
N ALA A 118 12.38 1.74 7.73
CA ALA A 118 12.60 2.44 9.00
C ALA A 118 11.57 3.54 9.16
N THR A 119 11.18 4.16 8.05
CA THR A 119 10.20 5.22 8.07
C THR A 119 8.84 4.67 8.47
N GLN A 120 8.49 3.52 7.92
CA GLN A 120 7.23 2.84 8.27
C GLN A 120 7.17 2.48 9.73
N ILE A 121 8.23 1.87 10.25
CA ILE A 121 8.22 1.45 11.64
C ILE A 121 8.15 2.67 12.56
N SER A 122 8.92 3.72 12.25
CA SER A 122 8.89 4.93 13.07
C SER A 122 7.50 5.58 13.03
N SER A 123 6.81 5.44 11.91
CA SER A 123 5.44 5.94 11.78
C SER A 123 4.50 5.21 12.75
N ALA A 124 4.57 3.89 12.75
CA ALA A 124 3.80 3.08 13.68
C ALA A 124 4.10 3.50 15.13
N MET A 125 5.39 3.67 15.43
CA MET A 125 5.79 3.98 16.80
C MET A 125 5.34 5.38 17.23
N GLU A 126 5.34 6.33 16.29
CA GLU A 126 4.87 7.67 16.63
C GLU A 126 3.37 7.62 16.97
N TYR A 127 2.62 6.84 16.20
CA TYR A 127 1.20 6.62 16.50
C TYR A 127 1.00 6.06 17.91
N LEU A 128 1.70 4.97 18.24
CA LEU A 128 1.64 4.41 19.58
C LEU A 128 2.03 5.42 20.68
N GLU A 129 3.05 6.21 20.39
CA GLU A 129 3.53 7.23 21.33
C GLU A 129 2.36 8.16 21.67
N LYS A 130 1.73 8.74 20.65
CA LYS A 130 0.58 9.63 20.84
C LYS A 130 -0.58 8.96 21.57
N LYS A 131 -0.80 7.67 21.37
CA LYS A 131 -1.88 6.96 22.02
C LYS A 131 -1.60 6.45 23.40
N ASN A 132 -0.45 6.74 23.95
CA ASN A 132 -0.09 6.30 25.27
C ASN A 132 0.04 4.82 25.40
N PHE A 133 0.53 4.21 24.36
CA PHE A 133 0.93 2.84 24.35
C PHE A 133 2.45 2.70 24.44
N ILE A 134 2.90 1.56 24.93
CA ILE A 134 4.29 1.16 24.82
C ILE A 134 4.37 -0.24 24.22
N HIS A 135 5.52 -0.60 23.68
CA HIS A 135 5.71 -1.92 23.11
C HIS A 135 6.76 -2.71 23.87
N ARG A 136 6.37 -3.85 24.41
CA ARG A 136 7.28 -4.67 25.21
C ARG A 136 8.21 -5.55 24.38
N ASP A 137 7.99 -5.58 23.07
CA ASP A 137 8.76 -6.47 22.21
C ASP A 137 9.04 -5.87 20.84
N LEU A 138 9.70 -4.72 20.82
CA LEU A 138 10.06 -4.07 19.57
C LEU A 138 11.37 -4.63 19.01
N ALA A 139 11.26 -5.38 17.92
CA ALA A 139 12.42 -5.99 17.29
C ALA A 139 12.08 -6.46 15.88
N ALA A 140 13.11 -6.68 15.06
CA ALA A 140 12.90 -7.11 13.69
C ALA A 140 12.10 -8.41 13.62
N ARG A 141 12.39 -9.33 14.52
CA ARG A 141 11.70 -10.61 14.55
C ARG A 141 10.21 -10.45 14.81
N ASN A 142 9.83 -9.30 15.37
CA ASN A 142 8.43 -9.03 15.67
C ASN A 142 7.78 -8.05 14.71
N CYS A 143 8.50 -7.73 13.63
CA CYS A 143 7.95 -6.94 12.55
C CYS A 143 7.64 -7.89 11.41
N LEU A 144 6.55 -7.64 10.69
CA LEU A 144 6.16 -8.52 9.61
C LEU A 144 6.20 -7.77 8.29
N VAL A 145 6.45 -8.51 7.21
CA VAL A 145 6.67 -7.94 5.90
C VAL A 145 5.62 -8.47 4.91
N GLY A 146 5.00 -7.54 4.18
CA GLY A 146 4.07 -7.92 3.13
C GLY A 146 4.67 -7.62 1.78
N GLU A 147 3.82 -7.44 0.77
CA GLU A 147 4.28 -7.16 -0.59
C GLU A 147 4.81 -5.75 -0.64
N ASN A 148 5.67 -5.46 -1.62
CA ASN A 148 6.13 -4.09 -1.85
C ASN A 148 6.85 -3.50 -0.65
N HIS A 149 7.54 -4.34 0.11
CA HIS A 149 8.35 -3.92 1.25
C HIS A 149 7.53 -3.22 2.33
N LEU A 150 6.24 -3.52 2.34
CA LEU A 150 5.35 -3.05 3.40
C LEU A 150 5.74 -3.74 4.69
N VAL A 151 5.99 -2.95 5.73
CA VAL A 151 6.42 -3.48 7.02
C VAL A 151 5.42 -3.06 8.10
N LYS A 152 5.00 -4.01 8.92
CA LYS A 152 4.09 -3.71 10.00
C LYS A 152 4.64 -4.25 11.32
N VAL A 153 4.45 -3.48 12.38
CA VAL A 153 4.81 -3.94 13.72
C VAL A 153 3.66 -4.80 14.24
N ALA A 154 3.98 -5.93 14.85
CA ALA A 154 2.95 -6.80 15.43
C ALA A 154 2.43 -6.21 16.73
N ASP A 155 1.16 -6.48 17.02
CA ASP A 155 0.51 -5.94 18.21
C ASP A 155 0.91 -6.71 19.46
N PHE A 156 1.50 -7.88 19.26
CA PHE A 156 1.99 -8.69 20.37
C PHE A 156 3.03 -7.90 21.13
N GLY A 157 2.76 -7.64 22.41
CA GLY A 157 3.67 -6.90 23.25
C GLY A 157 3.18 -5.49 23.53
N LEU A 158 2.03 -5.14 22.97
CA LEU A 158 1.45 -3.82 23.16
C LEU A 158 0.76 -3.71 24.52
N SER A 159 0.99 -2.59 25.19
CA SER A 159 0.39 -2.32 26.47
C SER A 159 0.08 -0.85 26.58
N ARG A 160 -1.06 -0.55 27.13
CA ARG A 160 -1.50 0.81 27.29
C ARG A 160 -1.12 1.32 28.64
N LEU A 161 -0.66 2.56 28.70
CA LEU A 161 -0.36 3.21 29.95
C LEU A 161 -1.64 3.80 30.57
N MET A 162 -2.03 3.30 31.71
CA MET A 162 -3.20 3.77 32.39
C MET A 162 -2.87 5.02 33.16
N THR A 163 -1.71 5.05 33.77
CA THR A 163 -1.18 6.24 34.46
C THR A 163 0.28 6.42 34.17
N GLY A 164 0.75 7.64 34.24
CA GLY A 164 2.16 7.92 34.04
C GLY A 164 2.70 7.51 32.68
N ASP A 165 4.02 7.37 32.58
CA ASP A 165 4.64 7.04 31.32
C ASP A 165 5.42 5.72 31.37
N THR A 166 5.20 4.93 32.39
CA THR A 166 5.91 3.69 32.63
C THR A 166 5.00 2.46 32.78
N TYR A 167 5.39 1.35 32.18
CA TYR A 167 4.70 0.10 32.33
C TYR A 167 5.61 -0.93 32.92
N THR A 168 5.15 -1.63 33.94
CA THR A 168 5.96 -2.64 34.60
C THR A 168 5.56 -4.04 34.14
N ALA A 169 6.53 -4.77 33.59
CA ALA A 169 6.29 -6.11 33.09
C ALA A 169 6.05 -7.08 34.24
N HIS A 170 5.25 -8.11 33.99
CA HIS A 170 4.91 -9.10 35.00
C HIS A 170 6.15 -9.54 35.78
N ALA A 171 5.97 -9.75 37.08
CA ALA A 171 7.08 -10.15 37.94
C ALA A 171 7.89 -11.31 37.36
N GLY A 172 9.19 -11.29 37.60
CA GLY A 172 10.07 -12.35 37.14
C GLY A 172 10.37 -12.27 35.66
N ALA A 173 9.66 -11.40 34.95
CA ALA A 173 9.83 -11.27 33.50
C ALA A 173 11.29 -11.27 33.08
N LYS A 174 11.57 -11.92 31.96
CA LYS A 174 12.92 -11.95 31.40
C LYS A 174 12.87 -11.52 29.93
N PHE A 175 13.61 -10.46 29.62
CA PHE A 175 13.58 -9.89 28.28
C PHE A 175 14.92 -10.00 27.55
N PRO A 176 14.85 -9.99 26.15
CA PRO A 176 16.16 -10.14 25.49
C PRO A 176 17.09 -8.96 25.74
N ILE A 177 18.12 -9.21 26.52
CA ILE A 177 19.08 -8.23 26.96
C ILE A 177 19.53 -7.25 25.87
N LYS A 178 19.84 -7.79 24.70
CA LYS A 178 20.45 -7.00 23.64
C LYS A 178 19.51 -5.99 22.98
N TRP A 179 18.21 -6.10 23.24
CA TRP A 179 17.25 -5.16 22.69
C TRP A 179 16.64 -4.26 23.74
N THR A 180 17.00 -4.50 24.99
CA THR A 180 16.29 -3.86 26.09
C THR A 180 17.06 -2.66 26.65
N ALA A 181 16.34 -1.57 26.86
CA ALA A 181 16.93 -0.35 27.39
C ALA A 181 17.49 -0.65 28.78
N PRO A 182 18.58 0.02 29.15
CA PRO A 182 19.23 -0.35 30.41
C PRO A 182 18.31 -0.12 31.61
N GLU A 183 17.53 0.96 31.60
CA GLU A 183 16.60 1.21 32.70
C GLU A 183 15.55 0.10 32.79
N SER A 184 15.25 -0.54 31.66
CA SER A 184 14.29 -1.65 31.67
C SER A 184 14.93 -2.94 32.17
N LEU A 185 16.23 -3.12 31.91
CA LEU A 185 16.95 -4.29 32.40
C LEU A 185 17.09 -4.16 33.91
N ALA A 186 17.44 -2.95 34.34
CA ALA A 186 17.72 -2.65 35.73
C ALA A 186 16.47 -2.67 36.62
N TYR A 187 15.38 -2.05 36.15
CA TYR A 187 14.20 -1.79 36.99
C TYR A 187 12.89 -2.46 36.53
N ASN A 188 12.92 -3.10 35.36
CA ASN A 188 11.71 -3.67 34.76
C ASN A 188 10.66 -2.65 34.32
N LYS A 189 11.04 -1.38 34.27
CA LYS A 189 10.17 -0.31 33.77
C LYS A 189 10.37 -0.11 32.27
N PHE A 190 9.27 -0.15 31.49
CA PHE A 190 9.26 0.20 30.07
C PHE A 190 8.52 1.52 29.85
N SER A 191 9.17 2.48 29.22
CA SER A 191 8.53 3.72 28.81
C SER A 191 8.57 3.79 27.29
N ILE A 192 8.03 4.85 26.71
CA ILE A 192 8.17 5.02 25.28
C ILE A 192 9.65 5.27 24.92
N LYS A 193 10.39 5.85 25.86
CA LYS A 193 11.83 6.05 25.70
C LYS A 193 12.61 4.72 25.65
N SER A 194 12.12 3.71 26.35
CA SER A 194 12.70 2.39 26.28
C SER A 194 12.50 1.88 24.86
N ASP A 195 11.33 2.20 24.31
CA ASP A 195 11.04 1.78 22.94
C ASP A 195 11.93 2.52 21.95
N VAL A 196 12.24 3.77 22.24
CA VAL A 196 13.19 4.48 21.38
C VAL A 196 14.55 3.77 21.37
N TRP A 197 14.98 3.27 22.52
CA TRP A 197 16.23 2.51 22.59
C TRP A 197 16.13 1.28 21.71
N ALA A 198 15.08 0.49 21.91
CA ALA A 198 14.88 -0.72 21.13
C ALA A 198 14.83 -0.40 19.63
N PHE A 199 14.22 0.74 19.28
CA PHE A 199 14.15 1.13 17.88
C PHE A 199 15.55 1.35 17.28
N GLY A 200 16.44 1.93 18.08
CA GLY A 200 17.82 2.12 17.65
C GLY A 200 18.47 0.80 17.31
N VAL A 201 18.18 -0.22 18.12
CA VAL A 201 18.76 -1.52 17.88
C VAL A 201 18.15 -2.11 16.61
N LEU A 202 16.84 -1.92 16.43
CA LEU A 202 16.15 -2.37 15.23
C LEU A 202 16.75 -1.73 13.99
N LEU A 203 17.11 -0.46 14.09
CA LEU A 203 17.75 0.25 12.99
C LEU A 203 19.07 -0.43 12.63
N TRP A 204 19.76 -0.93 13.64
CA TRP A 204 21.03 -1.63 13.45
C TRP A 204 20.79 -3.00 12.81
N GLU A 205 19.70 -3.66 13.20
CA GLU A 205 19.33 -4.94 12.59
C GLU A 205 19.06 -4.73 11.10
N ILE A 206 18.36 -3.65 10.79
CA ILE A 206 18.04 -3.34 9.40
C ILE A 206 19.30 -3.04 8.59
N ALA A 207 20.13 -2.12 9.11
CA ALA A 207 21.37 -1.71 8.45
C ALA A 207 22.34 -2.88 8.13
N THR A 208 22.30 -3.93 8.95
CA THR A 208 23.21 -5.06 8.76
C THR A 208 22.53 -6.25 8.10
N TYR A 209 21.30 -6.06 7.62
CA TYR A 209 20.56 -7.14 6.98
C TYR A 209 20.31 -8.33 7.90
N GLY A 210 20.12 -8.04 9.18
CA GLY A 210 19.70 -9.06 10.13
C GLY A 210 20.79 -9.73 10.95
N MET A 211 21.93 -9.07 11.10
CA MET A 211 22.96 -9.55 11.99
C MET A 211 22.49 -9.42 13.44
N SER A 212 22.97 -10.30 14.30
CA SER A 212 22.64 -10.23 15.71
C SER A 212 23.35 -9.06 16.37
N PRO A 213 22.61 -8.35 17.33
CA PRO A 213 23.35 -7.20 17.90
C PRO A 213 24.47 -7.64 18.86
N TYR A 214 25.40 -6.74 19.13
CA TYR A 214 26.57 -7.04 19.96
C TYR A 214 27.17 -8.41 19.63
N PRO A 215 27.44 -8.66 18.32
CA PRO A 215 27.90 -10.00 17.92
C PRO A 215 29.21 -10.38 18.61
N GLY A 216 29.23 -11.56 19.21
CA GLY A 216 30.43 -12.06 19.85
C GLY A 216 30.52 -11.66 21.31
N ILE A 217 29.76 -10.64 21.70
CA ILE A 217 29.73 -10.18 23.09
C ILE A 217 28.74 -11.02 23.91
N ASP A 218 29.18 -11.52 25.06
CA ASP A 218 28.34 -12.37 25.88
C ASP A 218 27.31 -11.58 26.65
N LEU A 219 26.11 -12.16 26.80
CA LEU A 219 24.97 -11.51 27.44
C LEU A 219 25.30 -10.90 28.78
N SER A 220 26.22 -11.55 29.51
CA SER A 220 26.48 -11.16 30.89
C SER A 220 27.19 -9.80 30.98
N GLN A 221 27.81 -9.39 29.88
CA GLN A 221 28.64 -8.18 29.86
C GLN A 221 27.90 -6.96 29.34
N VAL A 222 26.83 -7.20 28.58
CA VAL A 222 26.11 -6.12 27.90
C VAL A 222 25.70 -4.92 28.77
N TYR A 223 25.08 -5.15 29.93
CA TYR A 223 24.63 -4.02 30.75
C TYR A 223 25.81 -3.17 31.23
N GLU A 224 26.79 -3.81 31.86
CA GLU A 224 27.96 -3.10 32.33
C GLU A 224 28.64 -2.31 31.19
N LEU A 225 28.76 -2.94 30.02
CA LEU A 225 29.40 -2.30 28.88
C LEU A 225 28.64 -1.03 28.47
N LEU A 226 27.30 -1.13 28.41
CA LEU A 226 26.45 0.03 28.10
C LEU A 226 26.58 1.12 29.16
N GLU A 227 26.60 0.68 30.42
CA GLU A 227 26.73 1.62 31.52
C GLU A 227 28.04 2.38 31.35
N LYS A 228 29.07 1.68 30.87
CA LYS A 228 30.38 2.33 30.65
C LYS A 228 30.57 2.89 29.25
N ASP A 229 29.45 3.21 28.60
CA ASP A 229 29.43 3.94 27.31
C ASP A 229 29.79 3.17 26.06
N TYR A 230 29.88 1.84 26.16
CA TYR A 230 29.98 1.03 24.96
C TYR A 230 28.72 1.11 24.11
N ARG A 231 28.91 1.34 22.81
CA ARG A 231 27.81 1.31 21.85
C ARG A 231 28.31 0.65 20.58
N MET A 232 27.45 -0.11 19.91
CA MET A 232 27.78 -0.69 18.61
C MET A 232 28.26 0.38 17.65
N GLU A 233 29.21 0.00 16.78
CA GLU A 233 29.78 0.93 15.81
C GLU A 233 28.95 0.98 14.54
N ARG A 234 29.24 1.97 13.69
CA ARG A 234 28.50 2.09 12.45
C ARG A 234 28.78 0.91 11.49
N PRO A 235 27.71 0.18 11.11
CA PRO A 235 27.86 -0.91 10.14
C PRO A 235 28.25 -0.33 8.78
N GLU A 236 29.04 -1.05 7.99
CA GLU A 236 29.40 -0.53 6.68
C GLU A 236 28.11 -0.32 5.87
N GLY A 237 28.08 0.72 5.06
CA GLY A 237 26.90 1.01 4.28
C GLY A 237 25.90 1.91 4.99
N CYS A 238 26.03 2.05 6.30
CA CYS A 238 25.06 2.86 7.04
C CYS A 238 25.36 4.35 6.91
N PRO A 239 24.39 5.13 6.41
CA PRO A 239 24.60 6.58 6.30
C PRO A 239 24.87 7.21 7.67
N GLU A 240 25.72 8.22 7.70
CA GLU A 240 26.11 8.86 8.94
C GLU A 240 24.93 9.41 9.73
N LYS A 241 23.98 10.03 9.04
CA LYS A 241 22.78 10.60 9.67
C LYS A 241 21.95 9.51 10.34
N VAL A 242 21.93 8.34 9.73
CA VAL A 242 21.19 7.23 10.30
C VAL A 242 21.92 6.71 11.54
N TYR A 243 23.24 6.65 11.49
CA TYR A 243 24.00 6.20 12.66
C TYR A 243 23.89 7.20 13.81
N GLU A 244 23.95 8.49 13.50
CA GLU A 244 23.77 9.53 14.51
C GLU A 244 22.42 9.41 15.21
N LEU A 245 21.39 9.06 14.45
CA LEU A 245 20.07 8.92 15.03
C LEU A 245 20.03 7.69 15.92
N MET A 246 20.60 6.60 15.41
CA MET A 246 20.84 5.38 16.17
C MET A 246 21.48 5.67 17.52
N ARG A 247 22.55 6.46 17.51
CA ARG A 247 23.27 6.84 18.72
C ARG A 247 22.42 7.76 19.62
N ALA A 248 21.61 8.62 19.03
CA ALA A 248 20.69 9.43 19.83
C ALA A 248 19.71 8.49 20.54
N CYS A 249 19.28 7.43 19.87
CA CYS A 249 18.36 6.47 20.50
C CYS A 249 18.99 5.75 21.68
N TRP A 250 20.32 5.64 21.66
CA TRP A 250 21.06 4.94 22.70
C TRP A 250 21.64 5.86 23.78
N GLN A 251 21.05 7.04 23.96
CA GLN A 251 21.46 7.86 25.11
C GLN A 251 21.17 7.13 26.42
N TRP A 252 22.11 7.21 27.35
CA TRP A 252 21.93 6.53 28.64
C TRP A 252 20.67 7.03 29.36
N ASN A 253 20.48 8.35 29.44
CA ASN A 253 19.28 8.91 30.08
C ASN A 253 18.08 8.90 29.14
N PRO A 254 17.00 8.21 29.54
CA PRO A 254 15.79 8.11 28.72
C PRO A 254 15.34 9.47 28.19
N SER A 255 15.40 10.50 29.02
CA SER A 255 14.93 11.84 28.61
C SER A 255 15.85 12.50 27.57
N ASP A 256 17.07 12.00 27.41
CA ASP A 256 17.97 12.53 26.38
C ASP A 256 17.70 11.92 24.98
N ARG A 257 16.88 10.87 24.92
CA ARG A 257 16.53 10.23 23.64
C ARG A 257 15.45 11.03 22.91
N PRO A 258 15.54 11.13 21.58
CA PRO A 258 14.50 11.82 20.81
C PRO A 258 13.16 11.09 20.94
N SER A 259 12.06 11.80 20.65
CA SER A 259 10.75 11.19 20.61
C SER A 259 10.60 10.48 19.26
N PHE A 260 9.57 9.64 19.13
CA PHE A 260 9.28 9.05 17.84
C PHE A 260 8.76 10.06 16.80
N ALA A 261 8.14 11.14 17.28
CA ALA A 261 7.72 12.21 16.37
C ALA A 261 8.95 12.80 15.66
N GLU A 262 10.00 13.05 16.45
CA GLU A 262 11.23 13.60 15.91
C GLU A 262 11.92 12.59 14.99
N ILE A 263 11.94 11.33 15.41
CA ILE A 263 12.55 10.24 14.64
C ILE A 263 11.81 10.01 13.30
N HIS A 264 10.49 9.86 13.36
CA HIS A 264 9.72 9.69 12.15
C HIS A 264 9.94 10.84 11.17
N GLN A 265 9.90 12.07 11.68
CA GLN A 265 10.14 13.24 10.86
C GLN A 265 11.54 13.23 10.22
N ALA A 266 12.55 12.82 10.99
CA ALA A 266 13.90 12.68 10.43
C ALA A 266 13.95 11.64 9.29
N PHE A 267 13.29 10.51 9.49
CA PHE A 267 13.31 9.48 8.44
C PHE A 267 12.50 9.87 7.22
N GLU A 268 11.34 10.47 7.46
CA GLU A 268 10.50 10.99 6.38
C GLU A 268 11.31 11.95 5.51
N THR A 269 12.02 12.87 6.15
CA THR A 269 12.86 13.82 5.42
C THR A 269 13.97 13.13 4.62
N MET A 270 14.70 12.21 5.25
CA MET A 270 15.77 11.51 4.55
C MET A 270 15.21 10.67 3.40
N PHE A 271 14.10 10.00 3.64
CA PHE A 271 13.47 9.16 2.62
C PHE A 271 13.05 10.00 1.41
N GLN A 272 12.48 11.17 1.66
CA GLN A 272 12.10 12.10 0.59
C GLN A 272 13.29 12.61 -0.22
N GLU A 273 14.38 12.96 0.46
CA GLU A 273 15.58 13.45 -0.22
C GLU A 273 16.21 12.38 -1.11
N SER A 274 16.28 11.15 -0.61
CA SER A 274 16.75 10.04 -1.43
C SER A 274 15.83 9.80 -2.62
N SER A 275 14.52 9.85 -2.37
CA SER A 275 13.54 9.69 -3.45
C SER A 275 13.69 10.79 -4.50
N ILE A 276 13.74 12.05 -4.05
CA ILE A 276 13.93 13.19 -4.95
C ILE A 276 15.25 13.09 -5.74
N SER A 277 16.35 12.79 -5.04
CA SER A 277 17.64 12.62 -5.70
C SER A 277 17.66 11.43 -6.67
N ASP A 278 16.88 10.40 -6.37
CA ASP A 278 16.75 9.22 -7.23
C ASP A 278 16.14 9.58 -8.59
N GLU A 279 15.03 10.32 -8.56
CA GLU A 279 14.35 10.75 -9.78
C GLU A 279 15.16 11.80 -10.56
N VAL A 280 15.83 12.68 -9.82
CA VAL A 280 16.64 13.73 -10.44
C VAL A 280 17.73 13.15 -11.35
N GLU A 281 18.17 11.92 -11.05
CA GLU A 281 19.20 11.25 -11.85
C GLU A 281 18.72 10.65 -13.17
N LYS A 282 17.92 11.41 -13.92
CA LYS A 282 17.62 11.14 -15.33
C LYS A 282 16.79 12.28 -15.94
N GLU B 10 -11.24 14.54 5.94
CA GLU B 10 -12.40 14.21 6.78
C GLU B 10 -13.26 15.47 7.00
N MET B 11 -14.57 15.30 6.95
CA MET B 11 -15.50 16.42 7.05
C MET B 11 -16.75 15.97 7.78
N GLU B 12 -17.53 16.93 8.29
CA GLU B 12 -18.82 16.61 8.86
C GLU B 12 -19.74 16.08 7.75
N ARG B 13 -20.38 14.96 7.97
CA ARG B 13 -21.20 14.43 6.92
C ARG B 13 -22.45 15.24 6.65
N THR B 14 -22.91 15.98 7.63
CA THR B 14 -24.09 16.83 7.42
C THR B 14 -23.78 17.98 6.46
N ASP B 15 -22.51 18.13 6.08
CA ASP B 15 -22.15 19.14 5.11
C ASP B 15 -22.65 18.77 3.73
N ILE B 16 -22.83 17.47 3.50
CA ILE B 16 -23.38 16.99 2.24
C ILE B 16 -24.84 16.59 2.39
N THR B 17 -25.66 17.01 1.44
CA THR B 17 -27.02 16.50 1.35
C THR B 17 -27.11 15.60 0.12
N MET B 18 -27.59 14.38 0.29
CA MET B 18 -27.70 13.41 -0.81
C MET B 18 -28.92 13.68 -1.68
N LYS B 19 -28.74 13.57 -2.99
CA LYS B 19 -29.83 13.87 -3.92
C LYS B 19 -30.44 12.64 -4.64
N HIS B 20 -29.59 11.91 -5.37
CA HIS B 20 -30.04 10.78 -6.19
C HIS B 20 -29.04 9.65 -6.18
N LYS B 21 -29.53 8.41 -6.15
CA LYS B 21 -28.68 7.28 -6.48
C LYS B 21 -28.52 7.31 -7.98
N LEU B 22 -27.26 7.22 -8.43
CA LEU B 22 -26.97 7.25 -9.86
C LEU B 22 -26.92 5.84 -10.46
N GLY B 23 -27.65 5.64 -11.55
CA GLY B 23 -27.64 4.36 -12.23
C GLY B 23 -26.55 4.24 -13.28
N GLY B 24 -26.27 3.01 -13.72
CA GLY B 24 -25.27 2.79 -14.74
C GLY B 24 -23.88 2.66 -14.16
N GLY B 25 -22.90 2.40 -15.02
CA GLY B 25 -21.52 2.26 -14.58
C GLY B 25 -21.24 0.89 -13.99
N GLN B 26 -19.99 0.44 -14.11
CA GLN B 26 -19.59 -0.86 -13.59
C GLN B 26 -18.88 -0.72 -12.24
N TYR B 27 -18.60 0.52 -11.85
CA TYR B 27 -18.16 0.82 -10.49
C TYR B 27 -19.39 0.63 -9.61
N GLY B 28 -19.22 0.70 -8.29
CA GLY B 28 -20.32 0.38 -7.40
C GLY B 28 -21.47 1.39 -7.37
N GLU B 29 -22.05 1.53 -6.19
CA GLU B 29 -23.19 2.43 -6.00
C GLU B 29 -22.74 3.84 -5.66
N VAL B 30 -23.25 4.82 -6.41
CA VAL B 30 -22.83 6.21 -6.22
C VAL B 30 -23.99 7.18 -6.23
N TYR B 31 -23.90 8.21 -5.39
CA TYR B 31 -24.96 9.21 -5.29
C TYR B 31 -24.51 10.59 -5.77
N GLU B 32 -25.43 11.32 -6.40
CA GLU B 32 -25.21 12.73 -6.60
C GLU B 32 -25.50 13.40 -5.24
N GLY B 33 -24.62 14.31 -4.82
CA GLY B 33 -24.86 15.06 -3.59
C GLY B 33 -24.59 16.55 -3.76
N VAL B 34 -24.94 17.35 -2.77
CA VAL B 34 -24.62 18.77 -2.77
C VAL B 34 -23.79 19.13 -1.55
N TRP B 35 -22.59 19.68 -1.77
CA TRP B 35 -21.81 20.21 -0.67
C TRP B 35 -22.30 21.63 -0.44
N LYS B 36 -23.15 21.80 0.57
CA LYS B 36 -23.97 23.01 0.68
C LYS B 36 -23.20 24.32 0.83
N LYS B 37 -22.19 24.34 1.69
CA LYS B 37 -21.45 25.54 1.92
C LYS B 37 -20.69 26.04 0.71
N TYR B 38 -20.47 25.19 -0.26
CA TYR B 38 -19.86 25.60 -1.52
C TYR B 38 -20.83 25.60 -2.70
N SER B 39 -22.10 25.33 -2.44
CA SER B 39 -23.11 25.21 -3.51
C SER B 39 -22.65 24.30 -4.64
N LEU B 40 -22.02 23.18 -4.29
CA LEU B 40 -21.31 22.36 -5.26
C LEU B 40 -21.92 20.96 -5.36
N THR B 41 -22.33 20.59 -6.57
CA THR B 41 -22.75 19.22 -6.80
C THR B 41 -21.50 18.31 -6.76
N VAL B 42 -21.61 17.21 -6.02
CA VAL B 42 -20.49 16.29 -5.85
C VAL B 42 -20.93 14.85 -6.02
N ALA B 43 -19.98 13.96 -6.28
CA ALA B 43 -20.25 12.53 -6.29
C ALA B 43 -19.98 11.97 -4.90
N VAL B 44 -20.89 11.16 -4.38
CA VAL B 44 -20.66 10.50 -3.10
C VAL B 44 -20.68 8.99 -3.33
N LYS B 45 -19.55 8.34 -3.05
CA LYS B 45 -19.47 6.88 -3.24
C LYS B 45 -19.24 6.15 -1.94
N GLU B 66 -2.75 12.62 -2.77
CA GLU B 66 -1.65 13.51 -3.12
C GLU B 66 -1.75 14.01 -4.56
N ILE B 67 -2.63 13.37 -5.34
CA ILE B 67 -2.79 13.69 -6.75
C ILE B 67 -3.46 15.04 -6.97
N LYS B 68 -3.07 15.72 -8.04
CA LYS B 68 -3.78 16.86 -8.51
C LYS B 68 -3.41 17.13 -9.96
N HIS B 69 -4.38 16.95 -10.83
CA HIS B 69 -4.21 17.07 -12.28
C HIS B 69 -5.59 17.26 -12.87
N PRO B 70 -5.69 18.07 -13.92
CA PRO B 70 -6.99 18.37 -14.52
C PRO B 70 -7.68 17.16 -15.17
N ASN B 71 -6.96 16.09 -15.45
CA ASN B 71 -7.64 14.92 -16.02
C ASN B 71 -7.67 13.70 -15.09
N LEU B 72 -7.53 13.98 -13.79
CA LEU B 72 -7.75 12.98 -12.75
C LEU B 72 -8.92 13.44 -11.90
N VAL B 73 -9.91 12.56 -11.71
CA VAL B 73 -11.09 12.89 -10.91
C VAL B 73 -10.65 13.33 -9.52
N GLN B 74 -10.95 14.58 -9.17
CA GLN B 74 -10.47 15.16 -7.91
C GLN B 74 -11.21 14.60 -6.69
N LEU B 75 -10.45 14.06 -5.74
CA LEU B 75 -11.00 13.69 -4.44
C LEU B 75 -11.21 14.94 -3.60
N LEU B 76 -12.38 15.06 -2.97
CA LEU B 76 -12.73 16.27 -2.20
C LEU B 76 -12.83 15.98 -0.69
N GLY B 77 -13.04 14.71 -0.34
CA GLY B 77 -13.23 14.35 1.05
C GLY B 77 -13.65 12.91 1.29
N VAL B 78 -13.64 12.52 2.56
CA VAL B 78 -13.98 11.17 2.99
C VAL B 78 -14.81 11.14 4.27
N CYS B 79 -15.72 10.19 4.29
CA CYS B 79 -16.54 9.90 5.42
C CYS B 79 -16.15 8.54 5.94
N THR B 80 -15.29 8.51 6.95
CA THR B 80 -14.67 7.26 7.40
C THR B 80 -15.23 6.70 8.71
N ARG B 81 -15.83 7.56 9.53
CA ARG B 81 -16.26 7.16 10.86
C ARG B 81 -17.44 6.19 10.84
N GLU B 82 -18.47 6.50 10.06
CA GLU B 82 -19.64 5.62 9.98
C GLU B 82 -20.29 5.69 8.60
N PRO B 83 -20.81 4.55 8.15
CA PRO B 83 -21.45 4.49 6.83
C PRO B 83 -20.66 5.23 5.77
N ILE B 87 -16.59 8.44 0.37
CA ILE B 87 -15.67 9.35 -0.29
C ILE B 87 -16.35 10.33 -1.21
N ILE B 88 -15.82 11.53 -1.25
CA ILE B 88 -16.37 12.63 -1.97
C ILE B 88 -15.49 13.09 -3.09
N THR B 89 -16.02 13.15 -4.29
CA THR B 89 -15.20 13.60 -5.40
C THR B 89 -15.98 14.58 -6.27
N GLU B 90 -15.30 15.21 -7.21
CA GLU B 90 -15.98 16.10 -8.15
C GLU B 90 -16.99 15.31 -8.98
N PHE B 91 -18.03 16.01 -9.44
CA PHE B 91 -19.09 15.36 -10.16
C PHE B 91 -18.83 15.50 -11.65
N MET B 92 -18.86 14.38 -12.35
CA MET B 92 -18.69 14.37 -13.79
C MET B 92 -20.05 14.09 -14.43
N THR B 93 -20.60 15.10 -15.08
CA THR B 93 -21.99 15.10 -15.48
C THR B 93 -22.43 13.98 -16.44
N TYR B 94 -21.55 13.52 -17.32
CA TYR B 94 -21.98 12.47 -18.26
C TYR B 94 -21.69 11.04 -17.82
N GLY B 95 -21.04 10.87 -16.67
CA GLY B 95 -20.75 9.53 -16.19
C GLY B 95 -19.62 8.87 -16.96
N ASN B 96 -19.64 7.54 -17.04
CA ASN B 96 -18.48 6.79 -17.52
C ASN B 96 -18.27 6.87 -19.04
N LEU B 97 -17.01 6.86 -19.46
CA LEU B 97 -16.65 7.04 -20.85
C LEU B 97 -17.16 5.91 -21.75
N LEU B 98 -17.28 4.70 -21.21
CA LEU B 98 -17.73 3.56 -22.00
C LEU B 98 -19.16 3.78 -22.50
N ASP B 99 -20.08 4.06 -21.59
CA ASP B 99 -21.47 4.29 -21.99
C ASP B 99 -21.62 5.56 -22.82
N TYR B 100 -20.81 6.57 -22.52
CA TYR B 100 -20.81 7.80 -23.29
C TYR B 100 -20.56 7.54 -24.76
N LEU B 101 -19.49 6.79 -25.05
CA LEU B 101 -19.13 6.48 -26.42
C LEU B 101 -20.20 5.65 -27.12
N ARG B 102 -20.76 4.70 -26.38
CA ARG B 102 -21.79 3.83 -26.96
C ARG B 102 -23.04 4.62 -27.32
N GLU B 103 -23.34 5.64 -26.53
CA GLU B 103 -24.62 6.34 -26.68
C GLU B 103 -24.53 7.63 -27.46
N CYS B 104 -23.32 8.05 -27.82
CA CYS B 104 -23.14 9.40 -28.35
C CYS B 104 -23.60 9.54 -29.80
N ASN B 105 -23.78 10.80 -30.19
CA ASN B 105 -23.94 11.16 -31.57
C ASN B 105 -22.53 11.23 -32.16
N ARG B 106 -22.18 10.24 -32.98
CA ARG B 106 -20.82 10.14 -33.53
C ARG B 106 -20.47 11.28 -34.48
N GLN B 107 -21.46 12.03 -34.95
CA GLN B 107 -21.16 13.18 -35.81
C GLN B 107 -20.63 14.33 -34.93
N GLU B 108 -20.99 14.29 -33.66
CA GLU B 108 -20.54 15.29 -32.70
C GLU B 108 -19.24 14.82 -32.08
N VAL B 109 -19.25 13.59 -31.54
CA VAL B 109 -18.07 12.98 -30.95
C VAL B 109 -17.34 12.30 -32.11
N ASN B 110 -16.67 13.12 -32.92
CA ASN B 110 -16.08 12.62 -34.16
C ASN B 110 -14.59 12.36 -34.01
N ALA B 111 -13.90 12.20 -35.13
CA ALA B 111 -12.50 11.79 -35.12
C ALA B 111 -11.62 12.72 -34.31
N VAL B 112 -11.77 14.04 -34.49
CA VAL B 112 -10.92 14.98 -33.74
C VAL B 112 -11.27 14.97 -32.26
N VAL B 113 -12.54 14.72 -31.94
CA VAL B 113 -12.92 14.56 -30.54
C VAL B 113 -12.28 13.32 -29.91
N LEU B 114 -12.27 12.20 -30.65
CA LEU B 114 -11.56 11.01 -30.18
C LEU B 114 -10.08 11.29 -29.88
N LEU B 115 -9.40 12.05 -30.75
CA LEU B 115 -8.00 12.43 -30.49
C LEU B 115 -7.90 13.32 -29.24
N TYR B 116 -8.86 14.24 -29.09
CA TYR B 116 -8.87 15.12 -27.94
C TYR B 116 -8.94 14.31 -26.65
N MET B 117 -9.77 13.27 -26.68
CA MET B 117 -9.94 12.41 -25.50
C MET B 117 -8.70 11.60 -25.14
N ALA B 118 -8.06 11.00 -26.15
CA ALA B 118 -6.83 10.25 -25.91
C ALA B 118 -5.73 11.18 -25.42
N THR B 119 -5.74 12.42 -25.91
CA THR B 119 -4.74 13.41 -25.49
C THR B 119 -4.89 13.74 -24.01
N GLN B 120 -6.14 13.95 -23.56
CA GLN B 120 -6.39 14.21 -22.15
C GLN B 120 -5.99 13.04 -21.26
N ILE B 121 -6.34 11.82 -21.67
CA ILE B 121 -6.05 10.67 -20.82
C ILE B 121 -4.54 10.44 -20.76
N SER B 122 -3.87 10.56 -21.91
CA SER B 122 -2.42 10.40 -21.93
C SER B 122 -1.74 11.49 -21.10
N SER B 123 -2.35 12.66 -21.02
CA SER B 123 -1.79 13.71 -20.18
C SER B 123 -1.85 13.29 -18.71
N ALA B 124 -2.99 12.74 -18.30
CA ALA B 124 -3.16 12.23 -16.93
C ALA B 124 -2.10 11.18 -16.66
N MET B 125 -1.88 10.31 -17.64
CA MET B 125 -0.97 9.17 -17.44
C MET B 125 0.49 9.60 -17.44
N GLU B 126 0.83 10.63 -18.19
CA GLU B 126 2.20 11.17 -18.16
C GLU B 126 2.48 11.75 -16.77
N TYR B 127 1.48 12.37 -16.19
CA TYR B 127 1.62 12.91 -14.85
C TYR B 127 1.85 11.79 -13.84
N LEU B 128 1.03 10.74 -13.88
CA LEU B 128 1.24 9.62 -12.97
C LEU B 128 2.60 8.96 -13.18
N GLU B 129 3.04 8.88 -14.43
CA GLU B 129 4.35 8.35 -14.75
C GLU B 129 5.43 9.19 -14.04
N LYS B 130 5.40 10.50 -14.26
CA LYS B 130 6.36 11.42 -13.63
C LYS B 130 6.37 11.29 -12.11
N LYS B 131 5.18 11.16 -11.51
CA LYS B 131 5.06 11.18 -10.05
C LYS B 131 5.20 9.80 -9.42
N ASN B 132 5.65 8.82 -10.19
CA ASN B 132 5.83 7.47 -9.66
C ASN B 132 4.57 6.80 -9.09
N PHE B 133 3.45 6.95 -9.80
CA PHE B 133 2.25 6.15 -9.52
C PHE B 133 2.06 5.13 -10.63
N ILE B 134 1.28 4.08 -10.35
CA ILE B 134 0.73 3.21 -11.39
C ILE B 134 -0.79 3.17 -11.21
N HIS B 135 -1.52 2.69 -12.21
CA HIS B 135 -2.97 2.55 -12.07
C HIS B 135 -3.33 1.11 -12.37
N ARG B 136 -4.02 0.44 -11.45
CA ARG B 136 -4.32 -0.98 -11.64
C ARG B 136 -5.57 -1.27 -12.49
N ASP B 137 -6.30 -0.24 -12.90
CA ASP B 137 -7.59 -0.49 -13.55
C ASP B 137 -7.92 0.60 -14.59
N LEU B 138 -7.00 0.78 -15.52
CA LEU B 138 -7.15 1.78 -16.57
C LEU B 138 -8.02 1.18 -17.68
N ALA B 139 -9.22 1.76 -17.87
CA ALA B 139 -10.22 1.26 -18.82
C ALA B 139 -11.29 2.32 -19.01
N ALA B 140 -12.05 2.24 -20.11
CA ALA B 140 -13.04 3.26 -20.41
C ALA B 140 -14.13 3.35 -19.34
N ARG B 141 -14.47 2.22 -18.73
CA ARG B 141 -15.51 2.20 -17.71
C ARG B 141 -15.06 2.98 -16.46
N ASN B 142 -13.75 3.20 -16.32
CA ASN B 142 -13.21 3.91 -15.17
C ASN B 142 -12.72 5.30 -15.52
N CYS B 143 -13.13 5.79 -16.69
CA CYS B 143 -12.92 7.20 -17.02
C CYS B 143 -14.29 7.86 -16.99
N LEU B 144 -14.33 9.15 -16.66
CA LEU B 144 -15.58 9.88 -16.50
C LEU B 144 -15.58 11.07 -17.43
N VAL B 145 -16.77 11.48 -17.85
CA VAL B 145 -16.88 12.55 -18.84
C VAL B 145 -17.66 13.74 -18.29
N GLY B 146 -17.14 14.92 -18.53
CA GLY B 146 -17.84 16.13 -18.26
C GLY B 146 -18.26 16.81 -19.53
N GLU B 147 -18.64 18.07 -19.42
CA GLU B 147 -19.03 18.84 -20.53
C GLU B 147 -17.90 19.10 -21.44
N ASN B 148 -18.23 19.28 -22.70
CA ASN B 148 -17.30 19.60 -23.73
C ASN B 148 -16.20 18.60 -23.86
N HIS B 149 -16.60 17.35 -23.74
CA HIS B 149 -15.73 16.19 -23.95
C HIS B 149 -14.53 16.16 -23.01
N LEU B 150 -14.66 16.84 -21.88
CA LEU B 150 -13.68 16.72 -20.81
C LEU B 150 -13.71 15.29 -20.27
N VAL B 151 -12.54 14.66 -20.25
CA VAL B 151 -12.41 13.29 -19.75
C VAL B 151 -11.42 13.24 -18.59
N LYS B 152 -11.77 12.50 -17.55
CA LYS B 152 -10.88 12.31 -16.42
C LYS B 152 -10.82 10.84 -16.03
N VAL B 153 -9.63 10.42 -15.59
CA VAL B 153 -9.43 9.07 -15.08
C VAL B 153 -9.74 9.04 -13.59
N ALA B 154 -10.47 8.03 -13.13
CA ALA B 154 -10.78 7.93 -11.71
C ALA B 154 -9.52 7.49 -10.93
N ASP B 155 -9.41 7.93 -9.68
CA ASP B 155 -8.24 7.63 -8.87
C ASP B 155 -8.26 6.21 -8.30
N PHE B 156 -9.44 5.62 -8.24
CA PHE B 156 -9.56 4.30 -7.65
C PHE B 156 -8.81 3.32 -8.54
N GLY B 157 -7.83 2.64 -7.95
CA GLY B 157 -6.95 1.78 -8.73
C GLY B 157 -5.51 2.28 -8.70
N LEU B 158 -5.31 3.52 -8.21
CA LEU B 158 -3.97 4.08 -8.04
C LEU B 158 -3.19 3.36 -6.96
N SER B 159 -1.88 3.24 -7.19
CA SER B 159 -0.95 2.79 -6.16
C SER B 159 0.31 3.62 -6.32
N ARG B 160 0.96 3.98 -5.26
CA ARG B 160 2.16 4.72 -5.44
C ARG B 160 3.32 3.77 -5.37
N LEU B 161 4.32 4.01 -6.18
CA LEU B 161 5.54 3.21 -6.12
C LEU B 161 6.46 3.90 -5.11
N MET B 162 6.49 3.39 -3.89
CA MET B 162 7.26 4.02 -2.83
C MET B 162 8.76 3.89 -3.11
N THR B 163 9.17 2.70 -3.56
CA THR B 163 10.50 2.48 -4.10
C THR B 163 10.38 1.67 -5.39
N GLY B 164 11.44 1.63 -6.18
CA GLY B 164 11.46 0.80 -7.37
C GLY B 164 10.49 1.23 -8.48
N ASP B 165 10.23 0.34 -9.42
CA ASP B 165 9.34 0.71 -10.53
C ASP B 165 8.17 -0.25 -10.73
N THR B 166 8.07 -1.21 -9.82
CA THR B 166 7.10 -2.30 -9.97
C THR B 166 6.31 -2.50 -8.68
N TYR B 167 4.99 -2.58 -8.81
CA TYR B 167 4.09 -2.88 -7.71
C TYR B 167 3.62 -4.32 -7.87
N THR B 168 3.66 -5.11 -6.79
CA THR B 168 3.19 -6.49 -6.84
C THR B 168 1.84 -6.56 -6.14
N ALA B 169 0.80 -6.97 -6.87
CA ALA B 169 -0.55 -7.14 -6.31
C ALA B 169 -0.61 -8.38 -5.43
N HIS B 170 -1.51 -8.37 -4.44
CA HIS B 170 -1.62 -9.52 -3.50
C HIS B 170 -2.03 -10.80 -4.25
N ALA B 171 -1.55 -11.94 -3.77
CA ALA B 171 -1.90 -13.21 -4.39
C ALA B 171 -3.43 -13.39 -4.37
N GLY B 172 -3.97 -14.03 -5.39
CA GLY B 172 -5.40 -14.26 -5.51
C GLY B 172 -6.18 -13.10 -6.10
N ALA B 173 -5.53 -11.94 -6.19
CA ALA B 173 -6.15 -10.75 -6.79
C ALA B 173 -6.62 -11.05 -8.20
N LYS B 174 -7.81 -10.58 -8.54
CA LYS B 174 -8.35 -10.86 -9.86
C LYS B 174 -8.33 -9.59 -10.72
N PHE B 175 -7.90 -9.76 -11.97
CA PHE B 175 -7.75 -8.63 -12.87
C PHE B 175 -8.82 -8.65 -13.95
N PRO B 176 -9.11 -7.46 -14.53
CA PRO B 176 -9.83 -7.40 -15.81
C PRO B 176 -8.86 -7.87 -16.89
N ILE B 177 -8.95 -9.16 -17.20
CA ILE B 177 -7.99 -9.84 -18.06
C ILE B 177 -7.73 -9.11 -19.38
N LYS B 178 -8.79 -8.63 -20.03
CA LYS B 178 -8.61 -8.09 -21.39
C LYS B 178 -7.93 -6.74 -21.44
N TRP B 179 -7.73 -6.11 -20.27
CA TRP B 179 -7.02 -4.84 -20.16
C TRP B 179 -5.66 -4.99 -19.51
N THR B 180 -5.30 -6.21 -19.15
CA THR B 180 -4.17 -6.40 -18.25
C THR B 180 -2.92 -6.86 -19.01
N ALA B 181 -1.77 -6.24 -18.69
CA ALA B 181 -0.52 -6.57 -19.36
C ALA B 181 -0.10 -8.01 -19.04
N PRO B 182 0.58 -8.67 -19.99
CA PRO B 182 0.91 -10.09 -19.77
C PRO B 182 1.76 -10.33 -18.52
N GLU B 183 2.69 -9.42 -18.22
CA GLU B 183 3.52 -9.61 -17.03
C GLU B 183 2.68 -9.54 -15.75
N SER B 184 1.58 -8.78 -15.82
CA SER B 184 0.69 -8.65 -14.68
C SER B 184 -0.19 -9.90 -14.53
N LEU B 185 -0.68 -10.41 -15.66
CA LEU B 185 -1.42 -11.67 -15.64
C LEU B 185 -0.56 -12.80 -15.10
N ALA B 186 0.69 -12.87 -15.53
CA ALA B 186 1.53 -13.99 -15.14
C ALA B 186 2.17 -13.85 -13.76
N TYR B 187 2.57 -12.64 -13.38
CA TYR B 187 3.35 -12.47 -12.15
C TYR B 187 2.76 -11.46 -11.17
N ASN B 188 1.56 -10.96 -11.45
CA ASN B 188 0.98 -9.91 -10.60
C ASN B 188 1.85 -8.66 -10.46
N LYS B 189 2.71 -8.41 -11.45
CA LYS B 189 3.57 -7.21 -11.46
C LYS B 189 2.92 -6.11 -12.27
N PHE B 190 2.88 -4.90 -11.71
CA PHE B 190 2.41 -3.73 -12.45
C PHE B 190 3.48 -2.66 -12.42
N SER B 191 3.92 -2.25 -13.59
CA SER B 191 4.77 -1.08 -13.70
C SER B 191 4.01 -0.03 -14.50
N ILE B 192 4.60 1.14 -14.74
CA ILE B 192 3.95 2.12 -15.59
C ILE B 192 3.79 1.57 -17.02
N LYS B 193 4.68 0.66 -17.41
CA LYS B 193 4.56 0.00 -18.71
C LYS B 193 3.33 -0.90 -18.79
N SER B 194 2.93 -1.48 -17.66
CA SER B 194 1.67 -2.24 -17.63
C SER B 194 0.51 -1.31 -17.95
N ASP B 195 0.59 -0.07 -17.48
CA ASP B 195 -0.41 0.93 -17.81
C ASP B 195 -0.31 1.37 -19.24
N VAL B 196 0.90 1.38 -19.80
CA VAL B 196 1.00 1.69 -21.23
C VAL B 196 0.24 0.62 -22.02
N TRP B 197 0.38 -0.65 -21.63
CA TRP B 197 -0.40 -1.71 -22.26
C TRP B 197 -1.91 -1.45 -22.14
N ALA B 198 -2.38 -1.18 -20.91
CA ALA B 198 -3.82 -0.97 -20.69
C ALA B 198 -4.29 0.25 -21.47
N PHE B 199 -3.44 1.26 -21.54
CA PHE B 199 -3.76 2.45 -22.32
C PHE B 199 -4.04 2.09 -23.77
N GLY B 200 -3.27 1.15 -24.33
CA GLY B 200 -3.49 0.70 -25.70
C GLY B 200 -4.88 0.09 -25.86
N VAL B 201 -5.32 -0.70 -24.87
CA VAL B 201 -6.65 -1.28 -24.95
C VAL B 201 -7.69 -0.15 -24.86
N LEU B 202 -7.42 0.84 -24.01
CA LEU B 202 -8.30 1.97 -23.84
C LEU B 202 -8.46 2.74 -25.15
N LEU B 203 -7.36 2.94 -25.86
CA LEU B 203 -7.39 3.55 -27.19
C LEU B 203 -8.29 2.79 -28.14
N TRP B 204 -8.24 1.46 -28.05
CA TRP B 204 -9.05 0.62 -28.93
C TRP B 204 -10.53 0.78 -28.54
N GLU B 205 -10.82 0.86 -27.24
CA GLU B 205 -12.18 1.14 -26.80
C GLU B 205 -12.67 2.46 -27.36
N ILE B 206 -11.80 3.47 -27.31
CA ILE B 206 -12.19 4.78 -27.82
C ILE B 206 -12.43 4.72 -29.33
N ALA B 207 -11.50 4.12 -30.06
CA ALA B 207 -11.53 4.06 -31.51
C ALA B 207 -12.75 3.29 -32.00
N THR B 208 -13.25 2.36 -31.20
CA THR B 208 -14.43 1.60 -31.62
C THR B 208 -15.73 2.12 -31.00
N TYR B 209 -15.68 3.27 -30.32
CA TYR B 209 -16.86 3.77 -29.62
C TYR B 209 -17.40 2.77 -28.61
N GLY B 210 -16.51 2.11 -27.88
CA GLY B 210 -16.93 1.26 -26.77
C GLY B 210 -17.31 -0.18 -27.08
N MET B 211 -16.74 -0.76 -28.13
CA MET B 211 -16.77 -2.23 -28.25
C MET B 211 -15.97 -2.87 -27.10
N SER B 212 -16.36 -4.09 -26.73
CA SER B 212 -15.61 -4.89 -25.77
C SER B 212 -14.38 -5.45 -26.49
N PRO B 213 -13.22 -5.40 -25.83
CA PRO B 213 -11.98 -5.86 -26.49
C PRO B 213 -11.93 -7.37 -26.72
N TYR B 214 -11.07 -7.80 -27.65
CA TYR B 214 -11.01 -9.20 -28.10
C TYR B 214 -12.41 -9.77 -28.18
N PRO B 215 -13.24 -9.20 -29.08
CA PRO B 215 -14.66 -9.52 -29.17
C PRO B 215 -14.90 -11.02 -29.37
N GLY B 216 -15.70 -11.63 -28.50
CA GLY B 216 -16.07 -13.03 -28.66
C GLY B 216 -15.05 -14.00 -28.11
N ILE B 217 -13.89 -13.47 -27.70
CA ILE B 217 -12.81 -14.35 -27.28
C ILE B 217 -12.86 -14.73 -25.80
N ASP B 218 -12.90 -16.04 -25.57
CA ASP B 218 -12.87 -16.68 -24.25
C ASP B 218 -11.76 -16.11 -23.37
N LEU B 219 -12.13 -15.58 -22.20
CA LEU B 219 -11.20 -14.96 -21.27
C LEU B 219 -10.03 -15.86 -20.96
N SER B 220 -10.31 -17.15 -20.83
CA SER B 220 -9.30 -18.08 -20.35
C SER B 220 -8.28 -18.41 -21.46
N GLN B 221 -8.53 -17.94 -22.68
CA GLN B 221 -7.61 -18.18 -23.79
C GLN B 221 -6.80 -16.93 -24.18
N VAL B 222 -7.11 -15.79 -23.57
CA VAL B 222 -6.47 -14.54 -23.94
C VAL B 222 -4.94 -14.54 -23.73
N TYR B 223 -4.47 -14.99 -22.57
CA TYR B 223 -3.04 -14.96 -22.27
C TYR B 223 -2.21 -15.77 -23.29
N GLU B 224 -2.66 -16.98 -23.60
CA GLU B 224 -1.94 -17.83 -24.55
C GLU B 224 -1.89 -17.21 -25.94
N LEU B 225 -2.98 -16.54 -26.33
CA LEU B 225 -3.01 -15.83 -27.61
C LEU B 225 -2.00 -14.68 -27.65
N LEU B 226 -1.88 -13.95 -26.54
CA LEU B 226 -0.95 -12.83 -26.45
C LEU B 226 0.48 -13.35 -26.54
N GLU B 227 0.73 -14.49 -25.90
CA GLU B 227 2.01 -15.16 -25.99
C GLU B 227 2.40 -15.50 -27.43
N LYS B 228 1.39 -15.81 -28.25
CA LYS B 228 1.64 -16.25 -29.63
C LYS B 228 1.48 -15.05 -30.54
N ASP B 229 1.61 -13.87 -29.94
CA ASP B 229 1.62 -12.60 -30.67
C ASP B 229 0.31 -12.28 -31.38
N TYR B 230 -0.80 -12.80 -30.86
CA TYR B 230 -2.08 -12.29 -31.35
C TYR B 230 -2.33 -10.92 -30.68
N ARG B 231 -2.85 -9.98 -31.46
CA ARG B 231 -3.25 -8.65 -30.97
C ARG B 231 -4.50 -8.27 -31.72
N MET B 232 -5.30 -7.40 -31.14
CA MET B 232 -6.53 -6.94 -31.81
C MET B 232 -6.21 -6.21 -33.12
N GLU B 233 -7.09 -6.40 -34.10
CA GLU B 233 -6.93 -5.81 -35.43
C GLU B 233 -7.29 -4.32 -35.41
N ARG B 234 -6.78 -3.59 -36.39
CA ARG B 234 -7.11 -2.18 -36.51
C ARG B 234 -8.60 -2.00 -36.73
N PRO B 235 -9.26 -1.24 -35.86
CA PRO B 235 -10.69 -0.95 -36.00
C PRO B 235 -10.93 -0.10 -37.25
N GLU B 236 -12.08 -0.25 -37.88
CA GLU B 236 -12.37 0.58 -39.06
C GLU B 236 -12.50 2.03 -38.64
N GLY B 237 -11.96 2.93 -39.48
CA GLY B 237 -11.96 4.34 -39.15
C GLY B 237 -10.77 4.78 -38.33
N CYS B 238 -10.03 3.82 -37.77
CA CYS B 238 -8.89 4.17 -36.91
C CYS B 238 -7.72 4.59 -37.77
N PRO B 239 -7.21 5.83 -37.56
CA PRO B 239 -6.04 6.26 -38.35
C PRO B 239 -4.86 5.30 -38.15
N GLU B 240 -4.08 5.07 -39.20
CA GLU B 240 -2.94 4.14 -39.11
C GLU B 240 -1.95 4.52 -38.00
N LYS B 241 -1.67 5.82 -37.84
CA LYS B 241 -0.75 6.30 -36.81
C LYS B 241 -1.21 5.93 -35.40
N VAL B 242 -2.52 6.00 -35.19
CA VAL B 242 -3.09 5.63 -33.89
C VAL B 242 -2.96 4.13 -33.65
N TYR B 243 -3.27 3.32 -34.67
CA TYR B 243 -3.08 1.87 -34.54
C TYR B 243 -1.63 1.46 -34.30
N GLU B 244 -0.69 2.14 -34.97
CA GLU B 244 0.71 1.82 -34.78
C GLU B 244 1.08 2.12 -33.33
N LEU B 245 0.45 3.14 -32.77
CA LEU B 245 0.69 3.48 -31.37
C LEU B 245 0.11 2.40 -30.45
N MET B 246 -1.12 1.95 -30.73
CA MET B 246 -1.69 0.81 -30.03
C MET B 246 -0.72 -0.37 -30.04
N ARG B 247 -0.22 -0.71 -31.23
CA ARG B 247 0.66 -1.86 -31.39
C ARG B 247 1.94 -1.70 -30.61
N ALA B 248 2.44 -0.46 -30.52
CA ALA B 248 3.65 -0.21 -29.72
C ALA B 248 3.33 -0.42 -28.23
N CYS B 249 2.13 -0.02 -27.82
CA CYS B 249 1.68 -0.23 -26.44
C CYS B 249 1.58 -1.69 -26.07
N TRP B 250 1.32 -2.54 -27.05
CA TRP B 250 1.12 -3.96 -26.78
C TRP B 250 2.36 -4.80 -27.09
N GLN B 251 3.53 -4.17 -27.11
CA GLN B 251 4.77 -4.94 -27.25
C GLN B 251 4.87 -5.88 -26.07
N TRP B 252 5.32 -7.09 -26.33
CA TRP B 252 5.45 -8.11 -25.31
C TRP B 252 6.35 -7.67 -24.15
N ASN B 253 7.54 -7.16 -24.47
CA ASN B 253 8.48 -6.74 -23.44
C ASN B 253 8.10 -5.35 -22.95
N PRO B 254 7.96 -5.17 -21.64
CA PRO B 254 7.59 -3.85 -21.09
C PRO B 254 8.55 -2.75 -21.56
N SER B 255 9.84 -3.06 -21.68
CA SER B 255 10.81 -2.00 -22.02
C SER B 255 10.73 -1.62 -23.50
N ASP B 256 10.03 -2.43 -24.30
CA ASP B 256 9.81 -2.09 -25.70
C ASP B 256 8.59 -1.20 -25.91
N ARG B 257 7.86 -0.92 -24.83
CA ARG B 257 6.67 -0.06 -24.94
C ARG B 257 7.06 1.40 -24.76
N PRO B 258 6.40 2.31 -25.49
CA PRO B 258 6.79 3.71 -25.30
C PRO B 258 6.41 4.23 -23.92
N SER B 259 6.92 5.39 -23.56
CA SER B 259 6.53 6.04 -22.32
C SER B 259 5.29 6.88 -22.56
N PHE B 260 4.61 7.23 -21.49
CA PHE B 260 3.46 8.12 -21.60
C PHE B 260 3.85 9.52 -22.09
N ALA B 261 5.05 9.95 -21.75
CA ALA B 261 5.60 11.22 -22.27
C ALA B 261 5.61 11.22 -23.80
N GLU B 262 6.10 10.13 -24.39
CA GLU B 262 6.15 10.01 -25.84
C GLU B 262 4.74 9.89 -26.39
N ILE B 263 3.93 9.09 -25.71
CA ILE B 263 2.55 8.90 -26.14
C ILE B 263 1.81 10.25 -26.12
N HIS B 264 1.94 10.99 -25.01
CA HIS B 264 1.22 12.25 -24.90
C HIS B 264 1.69 13.23 -25.99
N GLN B 265 2.99 13.28 -26.19
CA GLN B 265 3.56 14.10 -27.27
C GLN B 265 2.98 13.72 -28.65
N ALA B 266 2.91 12.42 -28.95
CA ALA B 266 2.35 12.00 -30.23
C ALA B 266 0.89 12.46 -30.37
N PHE B 267 0.12 12.35 -29.28
CA PHE B 267 -1.28 12.75 -29.39
C PHE B 267 -1.47 14.26 -29.53
N GLU B 268 -0.72 15.04 -28.75
CA GLU B 268 -0.80 16.50 -28.86
C GLU B 268 -0.51 16.94 -30.29
N THR B 269 0.49 16.31 -30.91
CA THR B 269 0.83 16.60 -32.29
C THR B 269 -0.30 16.29 -33.26
N MET B 270 -0.83 15.08 -33.16
CA MET B 270 -1.94 14.69 -34.01
C MET B 270 -3.17 15.58 -33.74
N PHE B 271 -3.40 15.90 -32.47
CA PHE B 271 -4.54 16.75 -32.13
C PHE B 271 -4.40 18.13 -32.77
N GLN B 272 -3.25 18.76 -32.59
CA GLN B 272 -2.97 20.06 -33.20
C GLN B 272 -3.14 20.02 -34.71
N GLU B 273 -2.54 19.02 -35.35
CA GLU B 273 -2.60 18.91 -36.79
C GLU B 273 -4.04 18.80 -37.32
N SER B 274 -4.86 17.97 -36.68
CA SER B 274 -6.26 17.82 -37.07
C SER B 274 -7.07 19.08 -36.77
N SER B 275 -6.70 19.76 -35.68
CA SER B 275 -7.31 21.05 -35.36
C SER B 275 -6.97 22.07 -36.46
N ILE B 276 -5.69 22.18 -36.78
CA ILE B 276 -5.22 23.13 -37.80
C ILE B 276 -5.85 22.90 -39.18
N SER B 277 -6.20 21.65 -39.46
CA SER B 277 -6.85 21.30 -40.72
C SER B 277 -8.23 21.92 -40.80
N ASP B 278 -9.11 21.52 -39.89
CA ASP B 278 -10.47 22.03 -39.84
C ASP B 278 -10.50 23.55 -40.03
O81 AXI C . 0.58 -13.00 18.40
C80 AXI C . 1.68 -13.52 18.27
N82 AXI C . 1.96 -14.76 18.95
C88 AXI C . 0.95 -15.40 19.76
C23 AXI C . 2.72 -12.84 17.44
C22 AXI C . 3.99 -12.57 17.98
C21 AXI C . 4.95 -11.93 17.20
C20 AXI C . 4.64 -11.55 15.88
C18 AXI C . 2.43 -12.45 16.12
C19 AXI C . 3.38 -11.81 15.36
S24 AXI C . 0.82 -12.80 15.40
C07 AXI C . 1.17 -13.12 13.67
C08 AXI C . 2.20 -14.02 13.32
C09 AXI C . 2.49 -14.27 11.97
C12 AXI C . 0.44 -12.45 12.69
C11 AXI C . 0.75 -12.72 11.31
N15 AXI C . 0.19 -12.21 10.15
N14 AXI C . 0.84 -12.78 9.09
C13 AXI C . 1.80 -13.63 9.52
C10 AXI C . 1.75 -13.60 10.96
C16 AXI C . 2.71 -14.43 8.63
C17 AXI C . 3.64 -15.31 9.11
C02 AXI C . 4.59 -15.99 8.15
N03 AXI C . 4.29 -16.06 6.85
C04 AXI C . 5.11 -16.67 5.97
C05 AXI C . 6.30 -17.24 6.42
C06 AXI C . 6.64 -17.18 7.76
C01 AXI C . 5.76 -16.55 8.65
O81 AXI D . -13.79 5.66 -6.66
C80 AXI D . -14.37 4.73 -7.23
N82 AXI D . -14.73 3.59 -6.45
C88 AXI D . -14.44 3.56 -5.03
C23 AXI D . -14.62 4.78 -8.70
C22 AXI D . -14.13 3.78 -9.54
C21 AXI D . -14.35 3.84 -10.91
C20 AXI D . -15.06 4.91 -11.48
C18 AXI D . -15.31 5.87 -9.26
C19 AXI D . -15.54 5.91 -10.63
S24 AXI D . -15.93 7.15 -8.18
C07 AXI D . -17.12 8.10 -9.14
C08 AXI D . -18.20 7.46 -9.77
C09 AXI D . -19.13 8.23 -10.53
C12 AXI D . -16.92 9.47 -9.23
C11 AXI D . -17.86 10.25 -10.00
N15 AXI D . -17.91 11.60 -10.27
N14 AXI D . -19.02 11.85 -11.05
C13 AXI D . -19.66 10.70 -11.29
C10 AXI D . -18.93 9.64 -10.64
C16 AXI D . -20.91 10.60 -12.14
C17 AXI D . -21.67 9.47 -12.33
C02 AXI D . -22.84 9.59 -13.27
N03 AXI D . -23.08 10.78 -13.85
C04 AXI D . -24.13 10.96 -14.69
C05 AXI D . -24.98 9.89 -14.96
C06 AXI D . -24.75 8.66 -14.37
C01 AXI D . -23.66 8.50 -13.51
#